data_6HP9
#
_entry.id   6HP9
#
_cell.length_a   62.510
_cell.length_b   65.890
_cell.length_c   162.880
_cell.angle_alpha   90.00
_cell.angle_beta   90.00
_cell.angle_gamma   90.00
#
_symmetry.space_group_name_H-M   'P 21 21 21'
#
loop_
_entity.id
_entity.type
_entity.pdbx_description
1 polymer 'Epithelial discoidin domain-containing receptor 1'
2 non-polymer (2~{R})-~{N}-[3-(4-methylimidazol-1-yl)-5-(trifluoromethyl)phenyl]-2-(pyrimidin-5-ylamino)-2,3-dihydro-1~{H}-indene-5-carboxamide
3 water water
#
_entity_poly.entity_id   1
_entity_poly.type   'polypeptide(L)'
_entity_poly.pdbx_seq_one_letter_code
;SMPRVDFPRSRLRFKEKLGEGQFGEVHLCEVDSPQDLVSLDFPLNVRKGHPLLVAVKILRPDATKNARNDFLKEVKIMSR
LKDPNIIRLLGVCVQDDPLCMITDYMENGDLNQFLSAHQLEDKAAEGAPGDGQAAQGPTISYPMLLHVAAQIASGMRYLA
TLNFVHRDLATRNCLVGENFTIKIADFGMSRNLYAGDYYRVQGRAVLPIRWMAWECILMGKFTTASDVWAFGVTLWEVLM
LCRAQPFGQLTDEQVIENAGEFFRDQGRQVYLSRPPACPQGLYELMLRCWSRESEQRPPFSQLHRFLAEDALNTV
;
_entity_poly.pdbx_strand_id   A,B
#
loop_
_chem_comp.id
_chem_comp.type
_chem_comp.name
_chem_comp.formula
GKB non-polymer (2~{R})-~{N}-[3-(4-methylimidazol-1-yl)-5-(trifluoromethyl)phenyl]-2-(pyrimidin-5-ylamino)-2,3-dihydro-1~{H}-indene-5-carboxamide 'C25 H21 F3 N6 O'
#
# COMPACT_ATOMS: atom_id res chain seq x y z
N SER A 1 20.30 6.68 26.00
CA SER A 1 19.21 5.71 26.18
C SER A 1 17.87 6.37 26.50
N MET A 2 16.82 5.68 26.08
CA MET A 2 15.44 5.97 26.43
C MET A 2 14.81 4.91 27.36
N PRO A 3 15.35 3.68 27.47
CA PRO A 3 14.80 2.77 28.48
C PRO A 3 15.20 3.26 29.87
N ARG A 4 14.25 3.28 30.79
CA ARG A 4 14.53 3.86 32.09
C ARG A 4 15.32 2.93 32.99
N VAL A 5 15.30 1.63 32.69
CA VAL A 5 15.99 0.60 33.46
C VAL A 5 16.71 -0.31 32.46
N ASP A 6 17.83 -0.85 32.89
CA ASP A 6 18.50 -1.91 32.12
C ASP A 6 17.55 -3.08 31.89
N PHE A 7 17.59 -3.62 30.67
CA PHE A 7 17.00 -4.92 30.41
C PHE A 7 17.67 -5.96 31.31
N PRO A 8 16.92 -6.84 31.96
CA PRO A 8 17.55 -7.84 32.82
C PRO A 8 18.41 -8.81 32.01
N ARG A 9 19.68 -8.92 32.41
CA ARG A 9 20.61 -9.74 31.63
C ARG A 9 20.25 -11.21 31.71
N SER A 10 19.74 -11.66 32.86
CA SER A 10 19.41 -13.08 32.98
C SER A 10 18.25 -13.49 32.08
N ARG A 11 17.48 -12.53 31.53
CA ARG A 11 16.37 -12.89 30.66
C ARG A 11 16.79 -13.15 29.22
N LEU A 12 18.07 -12.90 28.89
CA LEU A 12 18.60 -13.17 27.55
C LEU A 12 19.28 -14.53 27.58
N ARG A 13 18.71 -15.50 26.88
CA ARG A 13 19.30 -16.83 26.76
C ARG A 13 20.08 -16.92 25.44
N PHE A 14 21.38 -17.16 25.54
CA PHE A 14 22.21 -17.24 24.34
C PHE A 14 21.76 -18.38 23.44
N LYS A 15 21.65 -18.11 22.14
CA LYS A 15 21.37 -19.14 21.15
C LYS A 15 22.48 -19.32 20.13
N GLU A 16 23.15 -18.25 19.70
CA GLU A 16 23.96 -18.33 18.51
C GLU A 16 24.68 -17.00 18.28
N LYS A 17 25.97 -17.05 17.95
CA LYS A 17 26.68 -15.83 17.57
C LYS A 17 26.27 -15.41 16.17
N LEU A 18 26.03 -14.10 15.98
CA LEU A 18 25.69 -13.60 14.66
C LEU A 18 26.84 -12.90 13.98
N GLY A 19 27.92 -12.61 14.70
CA GLY A 19 29.06 -11.95 14.11
C GLY A 19 30.00 -11.44 15.17
N GLU A 20 31.25 -11.21 14.78
CA GLU A 20 32.25 -10.60 15.66
C GLU A 20 32.87 -9.41 14.93
N GLY A 21 33.11 -8.34 15.68
CA GLY A 21 33.75 -7.16 15.13
C GLY A 21 34.95 -6.76 15.96
N GLN A 22 35.54 -5.60 15.66
CA GLN A 22 36.66 -5.12 16.45
C GLN A 22 36.22 -4.76 17.87
N PHE A 23 35.09 -4.05 17.99
CA PHE A 23 34.61 -3.62 19.30
C PHE A 23 33.78 -4.67 20.03
N GLY A 24 33.28 -5.69 19.34
CA GLY A 24 32.56 -6.71 20.07
C GLY A 24 31.93 -7.83 19.24
N GLU A 25 30.79 -8.34 19.71
CA GLU A 25 30.08 -9.45 19.06
C GLU A 25 28.60 -9.13 19.03
N VAL A 26 27.87 -9.87 18.20
CA VAL A 26 26.41 -9.83 18.18
C VAL A 26 25.89 -11.24 18.41
N HIS A 27 25.00 -11.39 19.40
CA HIS A 27 24.45 -12.69 19.77
C HIS A 27 22.96 -12.72 19.48
N LEU A 28 22.49 -13.85 18.92
CA LEU A 28 21.07 -14.14 18.84
C LEU A 28 20.63 -14.79 20.16
N CYS A 29 19.62 -14.20 20.80
CA CYS A 29 19.18 -14.64 22.12
C CYS A 29 17.66 -14.86 22.11
N GLU A 30 17.21 -15.65 23.07
CA GLU A 30 15.79 -15.86 23.30
C GLU A 30 15.37 -15.18 24.59
N VAL A 31 14.14 -14.67 24.61
CA VAL A 31 13.56 -14.05 25.79
C VAL A 31 12.22 -14.73 26.07
N ASP A 32 12.15 -15.45 27.19
CA ASP A 32 10.90 -16.08 27.59
C ASP A 32 9.94 -15.06 28.19
N SER A 33 8.65 -15.30 27.99
CA SER A 33 7.58 -14.44 28.49
C SER A 33 7.93 -12.96 28.33
N PRO A 34 8.15 -12.49 27.10
CA PRO A 34 8.69 -11.13 26.89
C PRO A 34 7.68 -10.00 27.08
N GLN A 35 6.39 -10.29 27.36
CA GLN A 35 5.37 -9.25 27.40
C GLN A 35 5.68 -8.17 28.43
N ASP A 36 6.32 -8.53 29.54
CA ASP A 36 6.58 -7.51 30.54
C ASP A 36 7.79 -6.64 30.20
N LEU A 37 8.66 -7.09 29.28
CA LEU A 37 9.84 -6.33 28.89
C LEU A 37 9.66 -5.55 27.57
N VAL A 38 8.75 -5.98 26.70
CA VAL A 38 8.64 -5.39 25.36
C VAL A 38 7.62 -4.27 25.37
N SER A 39 8.02 -3.10 24.84
CA SER A 39 7.13 -1.96 24.69
C SER A 39 5.82 -2.35 24.00
N LEU A 40 4.72 -1.71 24.45
CA LEU A 40 3.39 -2.10 23.95
C LEU A 40 3.15 -1.70 22.50
N ASP A 41 3.98 -0.82 21.93
CA ASP A 41 3.84 -0.42 20.53
C ASP A 41 4.69 -1.25 19.59
N PHE A 42 5.20 -2.38 20.08
CA PHE A 42 6.00 -3.31 19.30
C PHE A 42 5.29 -4.67 19.29
N PRO A 43 5.12 -5.30 18.12
CA PRO A 43 4.31 -6.52 18.06
C PRO A 43 5.02 -7.72 18.67
N LEU A 44 4.27 -8.49 19.45
CA LEU A 44 4.71 -9.79 19.94
C LEU A 44 3.82 -10.85 19.33
N ASN A 45 4.41 -11.69 18.48
CA ASN A 45 3.73 -12.80 17.83
C ASN A 45 4.40 -14.10 18.26
N VAL A 46 4.29 -14.43 19.54
CA VAL A 46 4.88 -15.65 20.08
C VAL A 46 3.74 -16.52 20.62
N ARG A 47 3.78 -17.80 20.24
CA ARG A 47 2.82 -18.74 20.81
C ARG A 47 3.05 -18.86 22.32
N LYS A 48 2.02 -19.33 23.01
CA LYS A 48 2.16 -19.69 24.42
C LYS A 48 3.38 -20.55 24.62
N GLY A 49 4.26 -20.12 25.53
CA GLY A 49 5.47 -20.87 25.80
C GLY A 49 6.56 -20.76 24.77
N HIS A 50 6.40 -19.88 23.77
CA HIS A 50 7.48 -19.64 22.81
C HIS A 50 8.21 -18.34 23.11
N PRO A 51 9.53 -18.28 22.90
CA PRO A 51 10.28 -17.07 23.21
C PRO A 51 10.42 -16.14 22.02
N LEU A 52 10.64 -14.86 22.33
CA LEU A 52 10.99 -13.88 21.33
C LEU A 52 12.48 -13.98 21.03
N LEU A 53 12.83 -13.93 19.73
CA LEU A 53 14.23 -13.84 19.34
C LEU A 53 14.64 -12.37 19.26
N VAL A 54 15.80 -12.04 19.83
CA VAL A 54 16.35 -10.69 19.77
C VAL A 54 17.83 -10.78 19.44
N ALA A 55 18.36 -9.69 18.88
CA ALA A 55 19.79 -9.54 18.60
C ALA A 55 20.43 -8.68 19.69
N VAL A 56 21.57 -9.13 20.22
CA VAL A 56 22.26 -8.43 21.29
C VAL A 56 23.66 -8.05 20.80
N LYS A 57 23.92 -6.75 20.67
CA LYS A 57 25.25 -6.25 20.32
C LYS A 57 26.02 -5.95 21.59
N ILE A 58 27.17 -6.60 21.77
CA ILE A 58 27.92 -6.57 23.02
C ILE A 58 29.27 -5.93 22.78
N LEU A 59 29.59 -4.91 23.56
CA LEU A 59 30.87 -4.22 23.46
C LEU A 59 31.94 -4.99 24.23
N ARG A 60 33.12 -5.12 23.62
CA ARG A 60 34.25 -5.79 24.28
C ARG A 60 34.43 -5.27 25.71
N PRO A 61 34.68 -6.14 26.68
CA PRO A 61 34.80 -5.67 28.07
C PRO A 61 36.09 -4.89 28.34
N ASP A 62 37.04 -4.86 27.39
CA ASP A 62 38.23 -4.03 27.49
C ASP A 62 38.24 -2.92 26.45
N ALA A 63 37.07 -2.54 25.95
CA ALA A 63 37.01 -1.50 24.93
C ALA A 63 37.58 -0.18 25.46
N THR A 64 38.05 0.64 24.52
CA THR A 64 38.59 1.93 24.92
C THR A 64 37.49 2.87 25.40
N LYS A 65 37.92 3.96 26.03
CA LYS A 65 37.00 5.05 26.33
C LYS A 65 36.29 5.53 25.08
N ASN A 66 37.03 5.61 23.97
CA ASN A 66 36.43 6.11 22.72
C ASN A 66 35.39 5.13 22.17
N ALA A 67 35.73 3.84 22.11
CA ALA A 67 34.78 2.86 21.59
C ALA A 67 33.55 2.79 22.48
N ARG A 68 33.74 2.93 23.78
CA ARG A 68 32.60 2.94 24.69
C ARG A 68 31.73 4.16 24.45
N ASN A 69 32.36 5.31 24.20
CA ASN A 69 31.62 6.52 23.88
C ASN A 69 30.87 6.38 22.57
N ASP A 70 31.49 5.77 21.55
CA ASP A 70 30.81 5.53 20.29
C ASP A 70 29.61 4.62 20.49
N PHE A 71 29.76 3.59 21.33
CA PHE A 71 28.67 2.64 21.60
C PHE A 71 27.48 3.36 22.23
N LEU A 72 27.72 4.17 23.26
CA LEU A 72 26.62 4.87 23.91
C LEU A 72 25.98 5.91 23.00
N LYS A 73 26.76 6.53 22.10
CA LYS A 73 26.17 7.42 21.13
C LYS A 73 25.22 6.67 20.21
N GLU A 74 25.61 5.47 19.76
CA GLU A 74 24.71 4.68 18.95
C GLU A 74 23.45 4.31 19.73
N VAL A 75 23.57 4.01 21.03
CA VAL A 75 22.39 3.68 21.83
C VAL A 75 21.43 4.85 21.87
N LYS A 76 21.93 6.07 22.13
CA LYS A 76 21.04 7.22 22.25
C LYS A 76 20.31 7.50 20.95
N ILE A 77 21.01 7.37 19.83
CA ILE A 77 20.37 7.66 18.55
C ILE A 77 19.29 6.62 18.25
N MET A 78 19.57 5.35 18.52
CA MET A 78 18.58 4.31 18.25
C MET A 78 17.36 4.42 19.15
N SER A 79 17.56 4.86 20.39
CA SER A 79 16.47 4.94 21.36
C SER A 79 15.35 5.87 20.92
N ARG A 80 15.62 6.71 19.93
CA ARG A 80 14.66 7.68 19.42
C ARG A 80 13.75 7.10 18.33
N LEU A 81 14.09 5.96 17.73
CA LEU A 81 13.55 5.57 16.43
C LEU A 81 12.47 4.49 16.61
N LYS A 82 11.21 4.88 16.46
CA LYS A 82 10.07 3.99 16.68
C LYS A 82 9.20 4.02 15.42
N ASP A 83 9.40 3.04 14.55
CA ASP A 83 8.65 2.98 13.32
C ASP A 83 8.61 1.53 12.87
N PRO A 84 7.52 1.11 12.21
CA PRO A 84 7.47 -0.27 11.70
C PRO A 84 8.59 -0.61 10.74
N ASN A 85 9.23 0.37 10.10
CA ASN A 85 10.24 0.07 9.10
C ASN A 85 11.61 0.63 9.47
N ILE A 86 11.87 0.80 10.77
CA ILE A 86 13.20 1.13 11.28
C ILE A 86 13.55 0.09 12.32
N ILE A 87 14.82 -0.36 12.33
CA ILE A 87 15.27 -1.26 13.39
C ILE A 87 14.88 -0.68 14.75
N ARG A 88 14.47 -1.54 15.67
CA ARG A 88 13.99 -1.10 16.97
C ARG A 88 14.98 -1.46 18.06
N LEU A 89 15.30 -0.49 18.92
CA LEU A 89 16.02 -0.76 20.16
C LEU A 89 15.02 -1.27 21.21
N LEU A 90 15.11 -2.55 21.55
CA LEU A 90 14.20 -3.13 22.52
C LEU A 90 14.67 -2.95 23.95
N GLY A 91 15.98 -2.88 24.18
CA GLY A 91 16.50 -2.68 25.51
C GLY A 91 17.98 -2.42 25.45
N VAL A 92 18.54 -2.09 26.62
CA VAL A 92 19.97 -1.86 26.78
C VAL A 92 20.39 -2.46 28.12
N CYS A 93 21.71 -2.71 28.24
CA CYS A 93 22.36 -3.07 29.50
C CYS A 93 23.59 -2.16 29.60
N VAL A 94 23.48 -1.02 30.28
CA VAL A 94 24.56 -0.03 30.26
C VAL A 94 25.02 0.40 31.65
N GLN A 95 24.35 -0.08 32.71
CA GLN A 95 24.78 0.30 34.05
C GLN A 95 26.00 -0.50 34.53
N ASP A 96 26.36 -1.56 33.81
CA ASP A 96 27.53 -2.37 34.13
C ASP A 96 28.11 -2.90 32.83
N ASP A 97 29.30 -3.41 32.92
CA ASP A 97 29.96 -3.98 31.75
C ASP A 97 29.63 -5.46 31.63
N PRO A 98 29.61 -6.03 30.42
CA PRO A 98 29.83 -5.36 29.14
C PRO A 98 28.57 -4.65 28.64
N LEU A 99 28.77 -3.53 27.94
CA LEU A 99 27.64 -2.77 27.41
C LEU A 99 26.92 -3.58 26.34
N CYS A 100 25.60 -3.52 26.36
CA CYS A 100 24.75 -4.26 25.45
C CYS A 100 23.66 -3.34 24.90
N MET A 101 23.28 -3.59 23.66
CA MET A 101 22.08 -2.99 23.10
C MET A 101 21.30 -4.12 22.44
N ILE A 102 20.00 -4.15 22.67
CA ILE A 102 19.15 -5.23 22.22
C ILE A 102 18.23 -4.69 21.13
N THR A 103 18.24 -5.32 19.96
CA THR A 103 17.41 -4.91 18.84
C THR A 103 16.45 -6.05 18.49
N ASP A 104 15.41 -5.73 17.73
CA ASP A 104 14.63 -6.82 17.17
C ASP A 104 15.46 -7.57 16.15
N TYR A 105 15.07 -8.81 15.89
CA TYR A 105 15.84 -9.72 15.05
C TYR A 105 15.12 -9.90 13.73
N MET A 106 15.85 -9.68 12.64
CA MET A 106 15.36 -9.79 11.27
C MET A 106 16.01 -11.02 10.65
N GLU A 107 15.28 -12.14 10.63
CA GLU A 107 15.88 -13.45 10.42
C GLU A 107 16.45 -13.65 9.02
N ASN A 108 16.13 -12.78 8.06
CA ASN A 108 16.57 -12.98 6.68
C ASN A 108 17.77 -12.12 6.31
N GLY A 109 18.45 -11.50 7.28
CA GLY A 109 19.68 -10.77 6.97
C GLY A 109 19.45 -9.49 6.18
N ASP A 110 20.54 -8.94 5.66
CA ASP A 110 20.42 -7.66 4.98
C ASP A 110 19.76 -7.84 3.61
N LEU A 111 19.18 -6.74 3.12
CA LEU A 111 18.37 -6.78 1.89
C LEU A 111 19.21 -7.09 0.64
N ASN A 112 20.46 -6.64 0.60
CA ASN A 112 21.30 -6.94 -0.55
C ASN A 112 21.51 -8.45 -0.72
N GLN A 113 21.90 -9.12 0.36
CA GLN A 113 22.02 -10.58 0.36
C GLN A 113 20.68 -11.25 0.06
N PHE A 114 19.60 -10.71 0.61
CA PHE A 114 18.28 -11.31 0.45
C PHE A 114 17.85 -11.30 -1.02
N LEU A 115 17.96 -10.14 -1.68
CA LEU A 115 17.56 -10.06 -3.08
C LEU A 115 18.50 -10.84 -3.98
N SER A 116 19.79 -10.91 -3.63
CA SER A 116 20.73 -11.70 -4.42
C SER A 116 20.30 -13.16 -4.52
N ALA A 117 19.70 -13.69 -3.44
CA ALA A 117 19.29 -15.08 -3.39
C ALA A 117 17.95 -15.33 -4.07
N HIS A 118 17.27 -14.28 -4.54
CA HIS A 118 16.00 -14.40 -5.25
C HIS A 118 16.17 -14.15 -6.75
N GLN A 119 15.37 -14.84 -7.55
CA GLN A 119 15.25 -14.58 -8.97
C GLN A 119 13.92 -13.92 -9.27
N LEU A 120 13.89 -13.16 -10.36
CA LEU A 120 12.66 -12.46 -10.76
C LEU A 120 11.71 -13.46 -11.41
N GLU A 121 10.43 -13.40 -11.03
CA GLU A 121 9.40 -14.27 -11.61
C GLU A 121 8.60 -13.56 -12.72
N GLN A 136 13.91 -23.78 -10.51
CA GLN A 136 14.14 -22.46 -9.96
C GLN A 136 14.54 -22.54 -8.48
N GLY A 137 14.83 -21.38 -7.87
CA GLY A 137 14.98 -21.26 -6.44
C GLY A 137 13.90 -20.36 -5.87
N PRO A 138 14.20 -19.61 -4.82
CA PRO A 138 13.25 -18.59 -4.35
C PRO A 138 13.09 -17.46 -5.36
N THR A 139 11.85 -17.04 -5.58
CA THR A 139 11.58 -16.00 -6.56
C THR A 139 10.89 -14.81 -5.90
N ILE A 140 10.83 -13.72 -6.65
CA ILE A 140 10.21 -12.47 -6.21
C ILE A 140 9.71 -11.75 -7.46
N SER A 141 8.58 -11.07 -7.34
CA SER A 141 7.93 -10.44 -8.48
C SER A 141 7.98 -8.92 -8.35
N TYR A 142 7.68 -8.28 -9.48
CA TYR A 142 7.70 -6.81 -9.55
C TYR A 142 6.87 -6.13 -8.46
N PRO A 143 5.60 -6.49 -8.22
CA PRO A 143 4.86 -5.80 -7.16
C PRO A 143 5.45 -6.03 -5.77
N MET A 144 6.04 -7.19 -5.53
CA MET A 144 6.76 -7.40 -4.27
C MET A 144 7.98 -6.49 -4.16
N LEU A 145 8.68 -6.24 -5.29
CA LEU A 145 9.81 -5.31 -5.24
C LEU A 145 9.34 -3.89 -4.94
N LEU A 146 8.20 -3.50 -5.52
CA LEU A 146 7.60 -2.20 -5.21
C LEU A 146 7.30 -2.07 -3.72
N HIS A 147 6.79 -3.14 -3.11
CA HIS A 147 6.44 -3.10 -1.70
C HIS A 147 7.69 -3.01 -0.82
N VAL A 148 8.75 -3.72 -1.20
CA VAL A 148 10.05 -3.54 -0.54
C VAL A 148 10.45 -2.06 -0.56
N ALA A 149 10.43 -1.45 -1.75
CA ALA A 149 10.85 -0.05 -1.85
C ALA A 149 9.90 0.89 -1.14
N ALA A 150 8.58 0.58 -1.14
CA ALA A 150 7.62 1.40 -0.42
C ALA A 150 7.88 1.37 1.09
N GLN A 151 8.21 0.19 1.63
CA GLN A 151 8.59 0.13 3.04
C GLN A 151 9.80 0.98 3.35
N ILE A 152 10.84 0.94 2.50
CA ILE A 152 12.01 1.79 2.73
C ILE A 152 11.59 3.24 2.69
N ALA A 153 10.79 3.63 1.68
CA ALA A 153 10.35 5.02 1.57
C ALA A 153 9.53 5.43 2.80
N SER A 154 8.70 4.52 3.31
CA SER A 154 7.94 4.80 4.52
C SER A 154 8.86 4.99 5.72
N GLY A 155 9.86 4.12 5.84
CA GLY A 155 10.84 4.30 6.90
C GLY A 155 11.57 5.62 6.79
N MET A 156 11.94 6.00 5.56
CA MET A 156 12.68 7.25 5.38
C MET A 156 11.81 8.47 5.63
N ARG A 157 10.52 8.39 5.26
CA ARG A 157 9.60 9.49 5.51
C ARG A 157 9.52 9.78 7.00
N TYR A 158 9.50 8.73 7.81
CA TYR A 158 9.52 8.89 9.26
C TYR A 158 10.80 9.57 9.72
N LEU A 159 11.95 9.12 9.22
CA LEU A 159 13.21 9.75 9.64
C LEU A 159 13.22 11.22 9.28
N ALA A 160 12.68 11.57 8.11
CA ALA A 160 12.62 12.97 7.69
C ALA A 160 11.84 13.82 8.69
N THR A 161 10.70 13.30 9.19
CA THR A 161 9.93 14.05 10.17
C THR A 161 10.68 14.28 11.48
N LEU A 162 11.68 13.45 11.78
CA LEU A 162 12.53 13.69 12.94
C LEU A 162 13.70 14.62 12.62
N ASN A 163 13.79 15.11 11.39
CA ASN A 163 14.94 15.89 10.95
C ASN A 163 16.22 15.06 11.10
N PHE A 164 16.13 13.78 10.76
CA PHE A 164 17.24 12.84 10.93
C PHE A 164 17.73 12.42 9.55
N VAL A 165 19.02 12.66 9.29
CA VAL A 165 19.62 12.34 8.00
C VAL A 165 20.39 11.03 8.16
N HIS A 166 19.98 10.02 7.39
CA HIS A 166 20.62 8.72 7.50
C HIS A 166 22.07 8.76 7.06
N ARG A 167 22.34 9.29 5.87
CA ARG A 167 23.66 9.47 5.28
C ARG A 167 24.25 8.19 4.70
N ASP A 168 23.62 7.02 4.83
CA ASP A 168 24.17 5.80 4.24
C ASP A 168 23.06 4.83 3.87
N LEU A 169 21.98 5.32 3.28
CA LEU A 169 20.93 4.44 2.82
C LEU A 169 21.37 3.67 1.59
N ALA A 170 21.10 2.37 1.59
CA ALA A 170 21.52 1.43 0.55
C ALA A 170 20.93 0.11 0.98
N THR A 171 20.81 -0.84 0.04
CA THR A 171 20.16 -2.09 0.41
C THR A 171 20.99 -2.85 1.43
N ARG A 172 22.32 -2.63 1.47
CA ARG A 172 23.14 -3.32 2.45
C ARG A 172 22.82 -2.87 3.87
N ASN A 173 22.21 -1.70 4.04
CA ASN A 173 21.82 -1.20 5.35
C ASN A 173 20.34 -1.42 5.66
N CYS A 174 19.65 -2.27 4.91
CA CYS A 174 18.30 -2.68 5.24
C CYS A 174 18.28 -4.15 5.64
N LEU A 175 17.47 -4.47 6.65
CA LEU A 175 17.34 -5.83 7.14
C LEU A 175 15.94 -6.36 6.84
N VAL A 176 15.86 -7.66 6.60
CA VAL A 176 14.62 -8.30 6.17
C VAL A 176 14.16 -9.27 7.25
N GLY A 177 12.94 -9.06 7.75
CA GLY A 177 12.31 -9.95 8.70
C GLY A 177 11.44 -10.98 8.01
N GLU A 178 10.41 -11.43 8.71
CA GLU A 178 9.47 -12.39 8.12
C GLU A 178 8.55 -11.69 7.13
N ASN A 179 8.08 -12.44 6.14
CA ASN A 179 7.09 -11.96 5.17
C ASN A 179 7.52 -10.66 4.51
N PHE A 180 8.80 -10.57 4.17
CA PHE A 180 9.32 -9.47 3.36
C PHE A 180 9.19 -8.12 4.07
N THR A 181 9.14 -8.11 5.41
CA THR A 181 9.12 -6.84 6.12
C THR A 181 10.54 -6.26 6.16
N ILE A 182 10.66 -4.97 5.89
CA ILE A 182 11.94 -4.29 5.73
C ILE A 182 12.15 -3.37 6.92
N LYS A 183 13.36 -3.43 7.50
CA LYS A 183 13.77 -2.53 8.58
C LYS A 183 15.02 -1.80 8.13
N ILE A 184 14.94 -0.46 8.05
CA ILE A 184 16.14 0.32 7.77
C ILE A 184 17.06 0.25 8.98
N ALA A 185 18.36 0.17 8.73
CA ALA A 185 19.34 0.05 9.79
C ALA A 185 20.60 0.80 9.35
N ASP A 186 21.68 0.67 10.14
CA ASP A 186 22.97 1.29 9.79
C ASP A 186 24.06 0.45 10.43
N PHE A 187 24.73 -0.37 9.62
CA PHE A 187 25.81 -1.19 10.12
C PHE A 187 27.10 -0.41 10.33
N GLY A 188 27.07 0.91 10.10
CA GLY A 188 28.33 1.60 10.08
C GLY A 188 29.07 1.13 8.85
N MET A 189 30.38 1.27 8.89
CA MET A 189 31.24 0.77 7.82
C MET A 189 32.15 -0.23 8.50
N SER A 190 31.60 -1.42 8.75
CA SER A 190 32.23 -2.42 9.61
C SER A 190 32.06 -3.83 9.07
N ARG A 191 31.80 -3.97 7.77
CA ARG A 191 31.66 -5.28 7.15
C ARG A 191 32.56 -5.31 5.92
N ASN A 192 33.55 -6.21 5.93
CA ASN A 192 34.42 -6.40 4.77
C ASN A 192 33.62 -6.63 3.50
N LEU A 193 32.46 -7.28 3.62
CA LEU A 193 31.67 -7.64 2.46
C LEU A 193 31.38 -6.44 1.57
N TYR A 194 31.24 -5.25 2.18
CA TYR A 194 30.85 -4.05 1.45
C TYR A 194 31.96 -3.00 1.39
N ALA A 195 33.22 -3.41 1.59
CA ALA A 195 34.34 -2.46 1.51
C ALA A 195 34.38 -1.73 0.15
N GLY A 196 33.98 -2.40 -0.93
CA GLY A 196 34.00 -1.80 -2.25
C GLY A 196 32.97 -0.70 -2.47
N ASP A 197 31.94 -0.63 -1.62
CA ASP A 197 30.95 0.43 -1.70
C ASP A 197 31.38 1.71 -0.98
N TYR A 198 32.60 1.78 -0.45
CA TYR A 198 33.05 2.98 0.21
C TYR A 198 34.38 3.42 -0.37
N TYR A 199 34.60 4.72 -0.37
CA TYR A 199 35.81 5.33 -0.92
C TYR A 199 36.50 6.11 0.19
N ARG A 200 37.79 5.87 0.37
CA ARG A 200 38.53 6.53 1.44
C ARG A 200 39.02 7.88 0.93
N VAL A 201 38.73 8.94 1.69
CA VAL A 201 39.14 10.29 1.32
C VAL A 201 40.38 10.66 2.12
N GLN A 202 41.48 10.91 1.41
CA GLN A 202 42.72 11.43 2.00
C GLN A 202 43.16 10.59 3.20
N GLY A 203 43.10 9.27 3.01
CA GLY A 203 43.57 8.33 4.00
C GLY A 203 42.81 8.29 5.31
N ARG A 204 41.69 9.02 5.43
CA ARG A 204 40.98 9.09 6.69
C ARG A 204 39.60 8.48 6.52
N ALA A 205 38.54 9.29 6.38
CA ALA A 205 37.17 8.80 6.41
C ALA A 205 36.80 8.05 5.13
N VAL A 206 35.67 7.35 5.19
CA VAL A 206 35.22 6.48 4.12
C VAL A 206 33.78 6.82 3.78
N LEU A 207 33.50 7.04 2.50
CA LEU A 207 32.21 7.58 2.07
C LEU A 207 31.56 6.69 1.01
N PRO A 208 30.23 6.54 1.06
CA PRO A 208 29.52 5.73 0.06
C PRO A 208 29.20 6.50 -1.22
N ILE A 209 30.24 6.84 -2.00
CA ILE A 209 30.12 7.85 -3.07
C ILE A 209 29.12 7.43 -4.17
N ARG A 210 29.01 6.14 -4.46
CA ARG A 210 28.08 5.71 -5.51
C ARG A 210 26.61 5.93 -5.13
N TRP A 211 26.31 6.15 -3.85
CA TRP A 211 24.96 6.44 -3.38
C TRP A 211 24.78 7.92 -3.03
N MET A 212 25.83 8.72 -3.10
CA MET A 212 25.77 10.08 -2.59
C MET A 212 25.40 11.06 -3.69
N ALA A 213 24.63 12.08 -3.30
CA ALA A 213 24.29 13.17 -4.21
C ALA A 213 25.55 13.95 -4.56
N TRP A 214 25.55 14.56 -5.76
CA TRP A 214 26.72 15.31 -6.20
C TRP A 214 27.13 16.36 -5.18
N GLU A 215 26.16 16.98 -4.51
CA GLU A 215 26.51 17.99 -3.50
C GLU A 215 27.08 17.38 -2.22
N CYS A 216 26.85 16.09 -1.95
CA CYS A 216 27.58 15.47 -0.84
C CYS A 216 29.03 15.25 -1.21
N ILE A 217 29.27 14.76 -2.42
CA ILE A 217 30.63 14.50 -2.89
C ILE A 217 31.45 15.79 -2.88
N LEU A 218 30.90 16.85 -3.46
CA LEU A 218 31.69 18.06 -3.74
C LEU A 218 31.73 19.05 -2.58
N MET A 219 30.67 19.13 -1.78
CA MET A 219 30.63 20.09 -0.69
C MET A 219 30.34 19.48 0.68
N GLY A 220 30.19 18.15 0.76
CA GLY A 220 30.00 17.51 2.06
C GLY A 220 28.71 17.87 2.76
N LYS A 221 27.67 18.23 2.01
CA LYS A 221 26.40 18.64 2.58
C LYS A 221 25.41 17.47 2.55
N PHE A 222 24.99 17.03 3.73
CA PHE A 222 24.08 15.90 3.88
C PHE A 222 22.74 16.41 4.38
N THR A 223 21.66 16.04 3.69
CA THR A 223 20.32 16.50 3.98
C THR A 223 19.31 15.41 3.64
N THR A 224 18.07 15.59 4.09
CA THR A 224 17.01 14.69 3.64
C THR A 224 17.00 14.62 2.11
N ALA A 225 17.35 15.73 1.44
CA ALA A 225 17.39 15.79 -0.01
C ALA A 225 18.45 14.85 -0.60
N SER A 226 19.61 14.76 0.04
CA SER A 226 20.59 13.76 -0.39
C SER A 226 20.18 12.35 0.02
N ASP A 227 19.44 12.19 1.12
CA ASP A 227 18.86 10.88 1.40
C ASP A 227 17.89 10.47 0.30
N VAL A 228 17.11 11.42 -0.23
CA VAL A 228 16.24 11.12 -1.36
C VAL A 228 17.04 10.65 -2.57
N TRP A 229 18.17 11.32 -2.85
CA TRP A 229 19.06 10.82 -3.90
C TRP A 229 19.49 9.39 -3.63
N ALA A 230 20.00 9.13 -2.41
CA ALA A 230 20.39 7.77 -2.04
C ALA A 230 19.26 6.78 -2.22
N PHE A 231 18.04 7.17 -1.81
CA PHE A 231 16.89 6.30 -2.00
C PHE A 231 16.72 5.92 -3.47
N GLY A 232 16.94 6.89 -4.38
CA GLY A 232 16.86 6.59 -5.80
C GLY A 232 17.83 5.51 -6.24
N VAL A 233 19.09 5.60 -5.79
CA VAL A 233 20.04 4.51 -6.03
C VAL A 233 19.57 3.22 -5.38
N THR A 234 19.05 3.32 -4.15
CA THR A 234 18.57 2.14 -3.44
C THR A 234 17.37 1.52 -4.16
N LEU A 235 16.53 2.37 -4.75
CA LEU A 235 15.42 1.85 -5.56
C LEU A 235 15.95 1.15 -6.79
N TRP A 236 16.97 1.73 -7.43
CA TRP A 236 17.64 1.09 -8.55
C TRP A 236 18.20 -0.28 -8.16
N GLU A 237 18.86 -0.37 -7.01
CA GLU A 237 19.33 -1.67 -6.53
C GLU A 237 18.20 -2.68 -6.44
N VAL A 238 17.10 -2.29 -5.78
CA VAL A 238 15.98 -3.21 -5.58
C VAL A 238 15.49 -3.73 -6.92
N LEU A 239 15.32 -2.83 -7.88
CA LEU A 239 14.81 -3.25 -9.18
C LEU A 239 15.84 -4.04 -9.98
N MET A 240 17.13 -3.91 -9.66
CA MET A 240 18.16 -4.75 -10.24
C MET A 240 18.29 -6.09 -9.54
N LEU A 241 17.49 -6.33 -8.49
CA LEU A 241 17.66 -7.47 -7.58
C LEU A 241 19.11 -7.55 -7.07
N CYS A 242 19.73 -6.38 -6.90
CA CYS A 242 21.07 -6.26 -6.32
C CYS A 242 22.12 -7.02 -7.13
N ARG A 243 21.88 -7.19 -8.43
CA ARG A 243 22.81 -7.94 -9.27
C ARG A 243 24.01 -7.13 -9.73
N ALA A 244 24.05 -5.82 -9.44
CA ALA A 244 25.08 -4.96 -10.01
C ALA A 244 25.32 -3.78 -9.09
N GLN A 245 26.59 -3.49 -8.82
CA GLN A 245 26.92 -2.28 -8.09
C GLN A 245 26.49 -1.06 -8.90
N PRO A 246 25.90 -0.05 -8.27
CA PRO A 246 25.58 1.18 -8.99
C PRO A 246 26.84 1.81 -9.56
N PHE A 247 26.73 2.26 -10.82
CA PHE A 247 27.87 2.81 -11.56
C PHE A 247 29.02 1.81 -11.62
N GLY A 248 28.68 0.53 -11.70
CA GLY A 248 29.71 -0.49 -11.65
C GLY A 248 30.78 -0.32 -12.71
N GLN A 249 30.40 0.26 -13.85
CA GLN A 249 31.33 0.44 -14.97
C GLN A 249 32.37 1.51 -14.70
N LEU A 250 32.14 2.38 -13.73
CA LEU A 250 33.01 3.50 -13.42
C LEU A 250 33.88 3.19 -12.21
N THR A 251 35.15 3.57 -12.32
CA THR A 251 36.04 3.56 -11.16
C THR A 251 35.57 4.59 -10.15
N ASP A 252 36.13 4.53 -8.94
CA ASP A 252 35.75 5.50 -7.91
C ASP A 252 36.05 6.92 -8.37
N GLU A 253 37.19 7.12 -9.04
CA GLU A 253 37.56 8.45 -9.52
C GLU A 253 36.59 8.92 -10.59
N GLN A 254 36.11 8.02 -11.44
CA GLN A 254 35.11 8.39 -12.44
C GLN A 254 33.78 8.76 -11.79
N VAL A 255 33.40 8.07 -10.70
CA VAL A 255 32.20 8.43 -9.95
C VAL A 255 32.33 9.85 -9.42
N ILE A 256 33.51 10.19 -8.91
CA ILE A 256 33.74 11.54 -8.39
C ILE A 256 33.73 12.56 -9.53
N GLU A 257 34.28 12.18 -10.69
CA GLU A 257 34.22 13.08 -11.83
C GLU A 257 32.78 13.23 -12.33
N ASN A 258 32.02 12.14 -12.34
CA ASN A 258 30.61 12.21 -12.69
C ASN A 258 29.88 13.19 -11.78
N ALA A 259 30.27 13.29 -10.52
CA ALA A 259 29.66 14.28 -9.64
C ALA A 259 30.03 15.70 -10.05
N GLY A 260 31.23 15.89 -10.60
CA GLY A 260 31.55 17.18 -11.21
C GLY A 260 30.62 17.51 -12.37
N GLU A 261 30.31 16.52 -13.20
CA GLU A 261 29.45 16.75 -14.35
C GLU A 261 28.04 17.16 -13.93
N PHE A 262 27.52 16.58 -12.83
CA PHE A 262 26.24 17.03 -12.29
C PHE A 262 26.30 18.49 -11.89
N PHE A 263 27.39 18.88 -11.25
CA PHE A 263 27.55 20.28 -10.84
C PHE A 263 27.58 21.22 -12.04
N ARG A 264 28.28 20.82 -13.11
CA ARG A 264 28.33 21.68 -14.29
C ARG A 264 27.05 21.60 -15.14
N ASP A 265 26.32 20.49 -15.04
CA ASP A 265 25.02 20.33 -15.69
C ASP A 265 25.10 20.57 -17.20
N GLN A 266 26.13 20.01 -17.82
CA GLN A 266 26.33 20.14 -19.26
C GLN A 266 25.87 18.91 -20.02
N GLY A 267 25.09 18.04 -19.38
CA GLY A 267 24.59 16.88 -20.09
C GLY A 267 25.59 15.77 -20.30
N ARG A 268 26.79 15.90 -19.72
CA ARG A 268 27.76 14.81 -19.79
C ARG A 268 27.72 13.90 -18.57
N GLN A 269 26.96 14.27 -17.53
CA GLN A 269 26.82 13.41 -16.35
C GLN A 269 26.17 12.09 -16.73
N VAL A 270 26.44 11.06 -15.94
CA VAL A 270 25.99 9.69 -16.23
C VAL A 270 24.93 9.31 -15.20
N TYR A 271 23.75 8.89 -15.68
CA TYR A 271 22.68 8.37 -14.84
C TYR A 271 22.70 6.85 -14.85
N LEU A 272 22.30 6.26 -13.72
CA LEU A 272 22.04 4.82 -13.71
C LEU A 272 20.95 4.50 -14.74
N SER A 273 21.11 3.35 -15.41
CA SER A 273 20.23 2.95 -16.50
C SER A 273 18.92 2.36 -15.97
N ARG A 274 17.90 2.37 -16.82
CA ARG A 274 16.61 1.81 -16.42
C ARG A 274 16.75 0.31 -16.20
N PRO A 275 16.46 -0.22 -15.01
CA PRO A 275 16.48 -1.67 -14.84
C PRO A 275 15.47 -2.33 -15.76
N PRO A 276 15.82 -3.49 -16.33
CA PRO A 276 14.88 -4.24 -17.17
C PRO A 276 13.49 -4.40 -16.57
N ALA A 277 13.39 -4.66 -15.27
CA ALA A 277 12.07 -4.86 -14.66
C ALA A 277 11.40 -3.55 -14.28
N CYS A 278 11.94 -2.40 -14.70
CA CYS A 278 11.44 -1.09 -14.29
C CYS A 278 10.65 -0.42 -15.41
N PRO A 279 9.34 -0.22 -15.25
CA PRO A 279 8.59 0.53 -16.26
C PRO A 279 9.01 1.98 -16.29
N GLN A 280 8.71 2.63 -17.42
CA GLN A 280 9.24 3.97 -17.70
C GLN A 280 8.77 5.00 -16.69
N GLY A 281 7.49 4.93 -16.29
CA GLY A 281 7.00 5.89 -15.33
C GLY A 281 7.74 5.86 -14.01
N LEU A 282 8.11 4.66 -13.57
CA LEU A 282 8.86 4.52 -12.33
C LEU A 282 10.31 4.99 -12.51
N TYR A 283 10.95 4.61 -13.62
CA TYR A 283 12.28 5.12 -13.89
C TYR A 283 12.30 6.65 -13.92
N GLU A 284 11.23 7.26 -14.41
CA GLU A 284 11.16 8.71 -14.41
C GLU A 284 11.10 9.27 -12.99
N LEU A 285 10.48 8.53 -12.07
CA LEU A 285 10.50 8.94 -10.67
C LEU A 285 11.89 8.85 -10.07
N MET A 286 12.63 7.79 -10.42
CA MET A 286 14.02 7.66 -9.95
C MET A 286 14.85 8.83 -10.43
N LEU A 287 14.73 9.18 -11.73
CA LEU A 287 15.49 10.30 -12.27
C LEU A 287 15.24 11.58 -11.50
N ARG A 288 14.01 11.78 -11.01
CA ARG A 288 13.75 12.99 -10.23
C ARG A 288 14.46 12.97 -8.88
N CYS A 289 14.71 11.78 -8.33
CA CYS A 289 15.53 11.71 -7.13
C CYS A 289 16.96 12.19 -7.38
N TRP A 290 17.41 12.18 -8.63
CA TRP A 290 18.75 12.64 -8.97
C TRP A 290 18.75 14.03 -9.57
N SER A 291 17.66 14.78 -9.40
CA SER A 291 17.63 16.16 -9.88
C SER A 291 18.79 16.94 -9.28
N ARG A 292 19.36 17.83 -10.09
CA ARG A 292 20.51 18.60 -9.64
C ARG A 292 20.17 19.49 -8.47
N GLU A 293 18.99 20.10 -8.48
CA GLU A 293 18.56 20.95 -7.39
C GLU A 293 17.90 20.09 -6.30
N SER A 294 18.30 20.32 -5.06
CA SER A 294 17.72 19.56 -3.95
C SER A 294 16.21 19.73 -3.90
N GLU A 295 15.72 20.94 -4.18
CA GLU A 295 14.31 21.26 -4.04
C GLU A 295 13.45 20.57 -5.10
N GLN A 296 14.04 20.07 -6.18
CA GLN A 296 13.25 19.40 -7.21
C GLN A 296 13.18 17.90 -7.01
N ARG A 297 13.88 17.36 -6.00
CA ARG A 297 13.75 15.95 -5.65
C ARG A 297 12.46 15.75 -4.85
N PRO A 298 11.76 14.65 -5.08
CA PRO A 298 10.48 14.42 -4.40
C PRO A 298 10.68 14.11 -2.94
N PRO A 299 9.84 14.63 -2.05
CA PRO A 299 9.90 14.22 -0.64
C PRO A 299 9.52 12.76 -0.49
N PHE A 300 9.97 12.17 0.62
CA PHE A 300 9.69 10.75 0.83
C PHE A 300 8.19 10.47 0.90
N SER A 301 7.40 11.42 1.41
CA SER A 301 5.95 11.25 1.44
C SER A 301 5.38 11.05 0.04
N GLN A 302 5.87 11.81 -0.93
CA GLN A 302 5.47 11.63 -2.32
C GLN A 302 5.97 10.31 -2.89
N LEU A 303 7.22 9.96 -2.57
CA LEU A 303 7.80 8.70 -3.04
C LEU A 303 7.03 7.50 -2.51
N HIS A 304 6.70 7.51 -1.22
CA HIS A 304 5.97 6.39 -0.65
C HIS A 304 4.57 6.30 -1.27
N ARG A 305 3.90 7.43 -1.47
CA ARG A 305 2.59 7.42 -2.11
C ARG A 305 2.67 6.77 -3.48
N PHE A 306 3.60 7.22 -4.32
CA PHE A 306 3.76 6.66 -5.65
C PHE A 306 4.00 5.16 -5.59
N LEU A 307 4.89 4.72 -4.69
CA LEU A 307 5.27 3.31 -4.66
C LEU A 307 4.19 2.42 -4.06
N ALA A 308 3.38 2.95 -3.14
CA ALA A 308 2.31 2.20 -2.50
C ALA A 308 1.01 2.20 -3.30
N GLU A 309 0.91 3.03 -4.35
CA GLU A 309 -0.32 3.22 -5.11
C GLU A 309 -0.10 3.34 -6.62
N ASP A 310 0.49 4.45 -7.07
CA ASP A 310 0.49 4.80 -8.49
C ASP A 310 1.29 3.82 -9.36
N ALA A 311 2.34 3.21 -8.81
CA ALA A 311 3.27 2.42 -9.62
C ALA A 311 2.66 1.09 -10.06
N VAL B 5 -14.83 -26.19 3.94
CA VAL B 5 -13.77 -26.86 3.20
C VAL B 5 -13.23 -25.95 2.09
N ASP B 6 -11.94 -26.12 1.78
CA ASP B 6 -11.32 -25.36 0.71
C ASP B 6 -11.82 -25.85 -0.66
N PHE B 7 -11.77 -24.95 -1.62
CA PHE B 7 -11.84 -25.29 -3.02
C PHE B 7 -10.51 -25.91 -3.46
N PRO B 8 -10.53 -26.93 -4.32
CA PRO B 8 -9.27 -27.55 -4.78
C PRO B 8 -8.40 -26.58 -5.56
N ARG B 9 -7.30 -26.13 -4.93
CA ARG B 9 -6.46 -25.10 -5.51
C ARG B 9 -5.88 -25.51 -6.85
N SER B 10 -5.75 -26.82 -7.10
CA SER B 10 -5.13 -27.28 -8.34
C SER B 10 -6.08 -27.17 -9.52
N ARG B 11 -7.38 -27.17 -9.26
CA ARG B 11 -8.36 -27.07 -10.33
C ARG B 11 -8.57 -25.64 -10.82
N LEU B 12 -7.72 -24.71 -10.39
CA LEU B 12 -7.72 -23.34 -10.89
C LEU B 12 -6.55 -23.18 -11.85
N ARG B 13 -6.85 -22.86 -13.11
CA ARG B 13 -5.83 -22.76 -14.15
C ARG B 13 -5.62 -21.30 -14.54
N PHE B 14 -4.39 -20.81 -14.39
CA PHE B 14 -4.11 -19.39 -14.56
C PHE B 14 -4.19 -18.98 -16.03
N LYS B 15 -5.03 -17.99 -16.32
CA LYS B 15 -5.13 -17.42 -17.66
C LYS B 15 -4.40 -16.09 -17.78
N GLU B 16 -4.71 -15.12 -16.93
CA GLU B 16 -4.04 -13.83 -16.98
C GLU B 16 -4.36 -13.06 -15.70
N LYS B 17 -3.55 -12.02 -15.45
CA LYS B 17 -3.73 -11.16 -14.29
C LYS B 17 -4.75 -10.07 -14.62
N LEU B 18 -5.68 -9.85 -13.70
CA LEU B 18 -6.65 -8.76 -13.79
C LEU B 18 -6.21 -7.53 -13.01
N GLY B 19 -5.48 -7.70 -11.92
CA GLY B 19 -5.14 -6.60 -11.04
C GLY B 19 -3.98 -6.97 -10.17
N GLU B 20 -3.35 -5.95 -9.59
CA GLU B 20 -2.07 -6.14 -8.90
C GLU B 20 -1.94 -5.06 -7.83
N GLY B 21 -1.93 -5.47 -6.57
CA GLY B 21 -1.87 -4.55 -5.45
C GLY B 21 -0.66 -4.77 -4.56
N GLN B 22 -0.61 -3.98 -3.49
CA GLN B 22 0.55 -3.97 -2.59
C GLN B 22 0.64 -5.22 -1.72
N PHE B 23 -0.47 -5.94 -1.54
CA PHE B 23 -0.45 -7.22 -0.85
C PHE B 23 -1.16 -8.33 -1.61
N GLY B 24 -1.97 -8.01 -2.60
CA GLY B 24 -2.72 -9.03 -3.29
C GLY B 24 -2.62 -8.93 -4.80
N GLU B 25 -3.43 -9.74 -5.47
CA GLU B 25 -3.47 -9.91 -6.91
C GLU B 25 -4.75 -10.65 -7.23
N VAL B 26 -5.34 -10.32 -8.37
CA VAL B 26 -6.50 -11.01 -8.89
C VAL B 26 -6.08 -11.71 -10.18
N HIS B 27 -6.37 -13.00 -10.27
CA HIS B 27 -6.04 -13.81 -11.43
C HIS B 27 -7.33 -14.32 -12.06
N LEU B 28 -7.40 -14.27 -13.38
CA LEU B 28 -8.47 -14.92 -14.12
C LEU B 28 -8.09 -16.37 -14.35
N CYS B 29 -8.96 -17.30 -13.95
CA CYS B 29 -8.66 -18.72 -14.05
C CYS B 29 -9.82 -19.47 -14.69
N GLU B 30 -9.52 -20.65 -15.22
CA GLU B 30 -10.51 -21.59 -15.73
C GLU B 30 -10.66 -22.76 -14.76
N VAL B 31 -11.87 -23.32 -14.73
CA VAL B 31 -12.18 -24.52 -13.96
C VAL B 31 -12.79 -25.54 -14.93
N ASP B 32 -12.19 -26.72 -14.98
CA ASP B 32 -12.52 -27.68 -16.05
C ASP B 32 -13.92 -28.25 -15.87
N SER B 33 -14.16 -28.98 -14.78
CA SER B 33 -15.46 -29.61 -14.56
C SER B 33 -16.18 -28.97 -13.39
N PRO B 34 -16.91 -27.88 -13.62
CA PRO B 34 -17.39 -27.07 -12.48
C PRO B 34 -18.56 -27.68 -11.73
N GLN B 35 -19.41 -28.45 -12.41
CA GLN B 35 -20.66 -28.95 -11.80
C GLN B 35 -20.40 -29.69 -10.50
N ASP B 36 -19.21 -30.29 -10.35
CA ASP B 36 -18.80 -30.97 -9.14
C ASP B 36 -18.20 -30.04 -8.09
N LEU B 37 -18.25 -28.73 -8.33
CA LEU B 37 -17.64 -27.76 -7.43
C LEU B 37 -18.51 -26.52 -7.30
N HIS B 50 -17.50 -26.67 -21.95
CA HIS B 50 -16.96 -25.33 -21.84
C HIS B 50 -16.39 -25.05 -20.44
N PRO B 51 -15.18 -24.48 -20.37
CA PRO B 51 -14.55 -24.22 -19.07
C PRO B 51 -15.07 -22.93 -18.43
N LEU B 52 -15.41 -23.01 -17.15
CA LEU B 52 -15.89 -21.84 -16.43
C LEU B 52 -14.73 -20.90 -16.10
N LEU B 53 -14.99 -19.60 -16.15
CA LEU B 53 -14.02 -18.60 -15.73
C LEU B 53 -14.37 -18.08 -14.35
N VAL B 54 -13.34 -17.88 -13.53
CA VAL B 54 -13.50 -17.31 -12.20
C VAL B 54 -12.41 -16.27 -11.98
N ALA B 55 -12.68 -15.35 -11.07
CA ALA B 55 -11.67 -14.42 -10.60
C ALA B 55 -11.19 -14.91 -9.24
N VAL B 56 -9.87 -15.01 -9.07
CA VAL B 56 -9.29 -15.47 -7.82
C VAL B 56 -8.46 -14.33 -7.27
N LYS B 57 -8.87 -13.81 -6.11
CA LYS B 57 -8.12 -12.79 -5.40
C LYS B 57 -7.22 -13.50 -4.39
N ILE B 58 -5.91 -13.34 -4.56
CA ILE B 58 -4.92 -14.14 -3.85
C ILE B 58 -4.03 -13.21 -3.04
N LEU B 59 -3.67 -13.66 -1.84
CA LEU B 59 -2.77 -12.91 -0.97
C LEU B 59 -1.34 -13.33 -1.26
N ARG B 60 -0.45 -12.35 -1.50
CA ARG B 60 0.93 -12.64 -1.81
C ARG B 60 1.74 -12.92 -0.55
N PRO B 61 2.94 -13.51 -0.69
CA PRO B 61 3.74 -13.80 0.51
C PRO B 61 4.21 -12.56 1.27
N ASP B 62 4.19 -11.38 0.66
CA ASP B 62 4.56 -10.16 1.37
C ASP B 62 3.37 -9.43 1.97
N ALA B 63 2.20 -10.04 1.97
CA ALA B 63 1.04 -9.41 2.59
C ALA B 63 1.29 -9.15 4.09
N THR B 64 0.86 -7.98 4.54
CA THR B 64 0.96 -7.64 5.94
C THR B 64 -0.10 -8.40 6.75
N LYS B 65 0.12 -8.46 8.06
CA LYS B 65 -0.88 -9.01 8.97
C LYS B 65 -2.20 -8.26 8.85
N ASN B 66 -2.16 -6.94 8.64
CA ASN B 66 -3.40 -6.18 8.44
C ASN B 66 -4.13 -6.63 7.17
N ALA B 67 -3.40 -6.76 6.07
CA ALA B 67 -4.01 -7.19 4.81
C ALA B 67 -4.62 -8.58 4.97
N ARG B 68 -3.92 -9.47 5.66
CA ARG B 68 -4.45 -10.79 5.95
C ARG B 68 -5.76 -10.68 6.72
N ASN B 69 -5.81 -9.81 7.72
CA ASN B 69 -7.03 -9.58 8.49
C ASN B 69 -8.16 -9.05 7.60
N ASP B 70 -7.89 -8.03 6.78
CA ASP B 70 -8.89 -7.53 5.85
C ASP B 70 -9.41 -8.64 4.94
N PHE B 71 -8.51 -9.48 4.45
CA PHE B 71 -8.89 -10.57 3.55
C PHE B 71 -9.87 -11.51 4.24
N LEU B 72 -9.54 -11.93 5.46
CA LEU B 72 -10.41 -12.85 6.19
C LEU B 72 -11.76 -12.21 6.49
N LYS B 73 -11.78 -10.92 6.87
CA LYS B 73 -13.06 -10.26 7.11
C LYS B 73 -13.87 -10.13 5.82
N GLU B 74 -13.22 -9.96 4.68
CA GLU B 74 -13.94 -9.86 3.42
C GLU B 74 -14.61 -11.19 3.07
N VAL B 75 -13.95 -12.31 3.34
CA VAL B 75 -14.57 -13.62 3.15
C VAL B 75 -15.81 -13.77 4.02
N LYS B 76 -15.71 -13.43 5.31
CA LYS B 76 -16.86 -13.55 6.19
C LYS B 76 -18.06 -12.77 5.66
N ILE B 77 -17.83 -11.54 5.18
CA ILE B 77 -18.91 -10.71 4.66
C ILE B 77 -19.49 -11.31 3.38
N MET B 78 -18.61 -11.61 2.42
CA MET B 78 -19.06 -12.07 1.11
C MET B 78 -19.77 -13.42 1.19
N SER B 79 -19.44 -14.23 2.21
CA SER B 79 -19.96 -15.59 2.26
C SER B 79 -21.47 -15.62 2.46
N ARG B 80 -22.05 -14.52 2.96
CA ARG B 80 -23.48 -14.36 3.17
C ARG B 80 -24.23 -13.84 1.95
N LEU B 81 -23.53 -13.28 0.96
CA LEU B 81 -24.20 -12.51 -0.10
C LEU B 81 -24.49 -13.43 -1.29
N LYS B 82 -25.75 -13.84 -1.41
CA LYS B 82 -26.19 -14.77 -2.45
C LYS B 82 -27.38 -14.15 -3.16
N ASP B 83 -27.12 -13.49 -4.29
CA ASP B 83 -28.16 -12.83 -5.07
C ASP B 83 -27.66 -12.69 -6.50
N PRO B 84 -28.56 -12.78 -7.49
CA PRO B 84 -28.10 -12.68 -8.90
C PRO B 84 -27.44 -11.36 -9.24
N ASN B 85 -27.69 -10.28 -8.51
CA ASN B 85 -27.09 -9.00 -8.81
C ASN B 85 -26.08 -8.54 -7.77
N ILE B 86 -25.48 -9.49 -7.04
CA ILE B 86 -24.38 -9.23 -6.12
C ILE B 86 -23.25 -10.17 -6.51
N ILE B 87 -22.01 -9.68 -6.51
CA ILE B 87 -20.87 -10.54 -6.76
C ILE B 87 -20.93 -11.72 -5.79
N ARG B 88 -20.50 -12.88 -6.26
CA ARG B 88 -20.71 -14.13 -5.53
C ARG B 88 -19.39 -14.75 -5.18
N LEU B 89 -19.21 -15.04 -3.90
CA LEU B 89 -18.09 -15.83 -3.42
C LEU B 89 -18.34 -17.30 -3.77
N LEU B 90 -17.53 -17.84 -4.68
CA LEU B 90 -17.76 -19.20 -5.13
C LEU B 90 -16.99 -20.22 -4.31
N GLY B 91 -15.86 -19.83 -3.75
CA GLY B 91 -15.07 -20.71 -2.91
C GLY B 91 -13.92 -19.94 -2.31
N VAL B 92 -13.22 -20.61 -1.41
CA VAL B 92 -12.04 -20.05 -0.77
C VAL B 92 -10.96 -21.12 -0.71
N CYS B 93 -9.73 -20.67 -0.46
CA CYS B 93 -8.59 -21.53 -0.17
C CYS B 93 -7.91 -20.89 1.04
N VAL B 94 -8.20 -21.40 2.23
CA VAL B 94 -7.70 -20.78 3.46
C VAL B 94 -6.96 -21.76 4.36
N GLN B 95 -7.15 -23.07 4.22
CA GLN B 95 -6.45 -24.03 5.09
C GLN B 95 -4.96 -24.12 4.79
N ASP B 96 -4.49 -23.46 3.73
CA ASP B 96 -3.09 -23.43 3.38
C ASP B 96 -2.84 -22.11 2.67
N ASP B 97 -1.58 -21.64 2.74
CA ASP B 97 -1.30 -20.38 2.07
C ASP B 97 -0.79 -20.62 0.67
N PRO B 98 -1.01 -19.67 -0.28
CA PRO B 98 -1.61 -18.35 -0.07
C PRO B 98 -3.14 -18.37 0.04
N LEU B 99 -3.68 -17.48 0.85
CA LEU B 99 -5.14 -17.35 0.96
C LEU B 99 -5.72 -16.95 -0.39
N CYS B 100 -6.85 -17.56 -0.74
CA CYS B 100 -7.56 -17.30 -1.98
C CYS B 100 -9.05 -17.10 -1.71
N MET B 101 -9.65 -16.20 -2.46
CA MET B 101 -11.10 -16.15 -2.56
C MET B 101 -11.46 -16.15 -4.03
N ILE B 102 -12.49 -16.92 -4.37
CA ILE B 102 -12.89 -17.18 -5.75
C ILE B 102 -14.26 -16.56 -5.95
N THR B 103 -14.37 -15.66 -6.93
CA THR B 103 -15.63 -15.01 -7.23
C THR B 103 -16.03 -15.31 -8.67
N ASP B 104 -17.30 -15.06 -8.98
CA ASP B 104 -17.69 -15.12 -10.38
C ASP B 104 -17.03 -13.99 -11.15
N TYR B 105 -16.83 -14.21 -12.45
CA TYR B 105 -16.11 -13.29 -13.32
C TYR B 105 -17.10 -12.54 -14.22
N MET B 106 -17.07 -11.21 -14.16
CA MET B 106 -17.86 -10.35 -15.03
C MET B 106 -16.92 -9.75 -16.06
N GLU B 107 -17.04 -10.22 -17.30
CA GLU B 107 -16.01 -10.01 -18.32
C GLU B 107 -16.05 -8.62 -18.94
N ASN B 108 -16.97 -7.76 -18.55
CA ASN B 108 -17.08 -6.45 -19.17
C ASN B 108 -16.60 -5.31 -18.28
N GLY B 109 -15.91 -5.62 -17.18
CA GLY B 109 -15.31 -4.60 -16.34
C GLY B 109 -16.36 -3.86 -15.54
N ASP B 110 -15.92 -2.79 -14.87
CA ASP B 110 -16.85 -2.06 -14.04
C ASP B 110 -17.79 -1.23 -14.90
N LEU B 111 -18.88 -0.79 -14.28
CA LEU B 111 -19.96 -0.16 -15.03
C LEU B 111 -19.58 1.24 -15.49
N ASN B 112 -18.70 1.91 -14.74
CA ASN B 112 -18.31 3.27 -15.12
C ASN B 112 -17.50 3.26 -16.41
N GLN B 113 -16.49 2.39 -16.49
CA GLN B 113 -15.76 2.17 -17.74
C GLN B 113 -16.68 1.72 -18.86
N PHE B 114 -17.61 0.82 -18.55
CA PHE B 114 -18.50 0.26 -19.56
C PHE B 114 -19.39 1.33 -20.19
N LEU B 115 -20.14 2.08 -19.36
CA LEU B 115 -20.99 3.12 -19.92
C LEU B 115 -20.18 4.21 -20.59
N SER B 116 -18.98 4.50 -20.08
CA SER B 116 -18.14 5.53 -20.71
C SER B 116 -17.81 5.18 -22.15
N ALA B 117 -17.74 3.89 -22.46
CA ALA B 117 -17.42 3.42 -23.81
C ALA B 117 -18.61 3.42 -24.75
N HIS B 118 -19.81 3.70 -24.23
CA HIS B 118 -21.07 3.59 -24.96
C HIS B 118 -21.67 4.96 -25.20
N GLN B 119 -22.51 5.04 -26.24
CA GLN B 119 -23.27 6.24 -26.55
C GLN B 119 -24.76 5.87 -26.54
N LEU B 120 -25.59 6.83 -26.16
CA LEU B 120 -27.02 6.62 -26.16
C LEU B 120 -27.51 6.48 -27.59
N GLU B 121 -28.14 5.35 -27.92
CA GLU B 121 -28.67 5.19 -29.27
C GLU B 121 -29.74 6.24 -29.56
N ASP B 122 -29.83 6.66 -30.81
CA ASP B 122 -30.76 7.71 -31.20
C ASP B 122 -31.95 7.18 -32.01
N GLY B 137 -18.70 4.38 -31.83
CA GLY B 137 -18.91 3.87 -30.48
C GLY B 137 -20.11 2.94 -30.36
N PRO B 138 -19.98 1.90 -29.52
CA PRO B 138 -21.11 1.00 -29.27
C PRO B 138 -22.25 1.69 -28.55
N THR B 139 -23.47 1.25 -28.83
CA THR B 139 -24.65 1.97 -28.36
C THR B 139 -25.36 1.22 -27.26
N ILE B 140 -26.18 1.96 -26.52
CA ILE B 140 -27.00 1.38 -25.47
C ILE B 140 -28.32 2.14 -25.45
N SER B 141 -29.43 1.41 -25.44
CA SER B 141 -30.74 2.01 -25.49
C SER B 141 -31.15 2.53 -24.13
N TYR B 142 -32.11 3.45 -24.13
CA TYR B 142 -32.67 3.92 -22.87
C TYR B 142 -33.37 2.82 -22.07
N PRO B 143 -34.18 1.93 -22.67
CA PRO B 143 -34.69 0.79 -21.89
C PRO B 143 -33.58 -0.08 -21.30
N MET B 144 -32.47 -0.26 -22.00
CA MET B 144 -31.40 -1.07 -21.43
C MET B 144 -30.73 -0.35 -20.26
N LEU B 145 -30.60 0.98 -20.31
CA LEU B 145 -30.06 1.69 -19.15
C LEU B 145 -30.99 1.54 -17.95
N LEU B 146 -32.30 1.51 -18.19
CA LEU B 146 -33.23 1.29 -17.10
C LEU B 146 -33.08 -0.11 -16.54
N HIS B 147 -32.79 -1.09 -17.41
CA HIS B 147 -32.57 -2.46 -16.95
C HIS B 147 -31.30 -2.56 -16.11
N VAL B 148 -30.24 -1.84 -16.53
CA VAL B 148 -29.03 -1.74 -15.72
C VAL B 148 -29.37 -1.14 -14.35
N ALA B 149 -30.14 -0.06 -14.35
CA ALA B 149 -30.52 0.58 -13.10
C ALA B 149 -31.38 -0.33 -12.22
N ALA B 150 -32.32 -1.04 -12.83
CA ALA B 150 -33.19 -1.91 -12.07
C ALA B 150 -32.41 -3.03 -11.41
N GLN B 151 -31.41 -3.55 -12.12
CA GLN B 151 -30.59 -4.63 -11.56
C GLN B 151 -29.87 -4.16 -10.32
N ILE B 152 -29.34 -2.92 -10.35
CA ILE B 152 -28.70 -2.35 -9.19
C ILE B 152 -29.69 -2.20 -8.05
N ALA B 153 -30.90 -1.70 -8.36
CA ALA B 153 -31.94 -1.61 -7.34
C ALA B 153 -32.27 -2.98 -6.75
N SER B 154 -32.22 -4.03 -7.58
CA SER B 154 -32.56 -5.35 -7.06
C SER B 154 -31.47 -5.89 -6.13
N GLY B 155 -30.20 -5.69 -6.47
CA GLY B 155 -29.14 -6.11 -5.56
C GLY B 155 -29.23 -5.39 -4.22
N MET B 156 -29.52 -4.08 -4.26
CA MET B 156 -29.65 -3.31 -3.03
C MET B 156 -30.89 -3.71 -2.24
N ARG B 157 -32.01 -4.02 -2.92
CA ARG B 157 -33.15 -4.58 -2.20
C ARG B 157 -32.73 -5.80 -1.40
N TYR B 158 -31.96 -6.68 -2.03
CA TYR B 158 -31.47 -7.88 -1.35
C TYR B 158 -30.62 -7.53 -0.15
N LEU B 159 -29.62 -6.66 -0.34
CA LEU B 159 -28.73 -6.30 0.76
C LEU B 159 -29.50 -5.71 1.93
N ALA B 160 -30.55 -4.94 1.63
CA ALA B 160 -31.37 -4.37 2.69
C ALA B 160 -32.14 -5.43 3.47
N THR B 161 -32.50 -6.54 2.82
CA THR B 161 -33.12 -7.62 3.58
C THR B 161 -32.16 -8.22 4.59
N LEU B 162 -30.85 -8.11 4.36
CA LEU B 162 -29.84 -8.57 5.31
C LEU B 162 -29.39 -7.48 6.26
N ASN B 163 -30.03 -6.30 6.22
CA ASN B 163 -29.57 -5.14 6.98
C ASN B 163 -28.08 -4.91 6.77
N PHE B 164 -27.64 -5.09 5.53
CA PHE B 164 -26.27 -4.82 5.14
C PHE B 164 -26.25 -3.45 4.48
N VAL B 165 -25.44 -2.54 5.04
CA VAL B 165 -25.27 -1.20 4.49
C VAL B 165 -24.02 -1.23 3.63
N HIS B 166 -24.16 -0.89 2.34
CA HIS B 166 -23.04 -1.02 1.41
C HIS B 166 -21.97 0.03 1.67
N ARG B 167 -22.38 1.29 1.83
CA ARG B 167 -21.62 2.50 2.16
C ARG B 167 -20.81 3.09 0.98
N ASP B 168 -20.69 2.43 -0.16
CA ASP B 168 -19.89 2.97 -1.28
C ASP B 168 -20.50 2.59 -2.63
N LEU B 169 -21.82 2.71 -2.75
CA LEU B 169 -22.47 2.39 -4.00
C LEU B 169 -22.19 3.48 -5.02
N ALA B 170 -21.70 3.07 -6.19
CA ALA B 170 -21.36 3.95 -7.29
C ALA B 170 -21.15 3.04 -8.49
N THR B 171 -21.15 3.63 -9.70
CA THR B 171 -20.99 2.76 -10.88
C THR B 171 -19.63 2.11 -10.90
N ARG B 172 -18.60 2.76 -10.33
CA ARG B 172 -17.27 2.16 -10.26
C ARG B 172 -17.26 0.88 -9.43
N ASN B 173 -18.26 0.67 -8.57
CA ASN B 173 -18.34 -0.54 -7.77
C ASN B 173 -19.40 -1.53 -8.29
N CYS B 174 -19.86 -1.36 -9.53
CA CYS B 174 -20.70 -2.37 -10.16
C CYS B 174 -19.91 -3.03 -11.28
N LEU B 175 -20.11 -4.33 -11.46
CA LEU B 175 -19.44 -5.10 -12.50
C LEU B 175 -20.46 -5.54 -13.54
N VAL B 176 -20.04 -5.51 -14.81
CA VAL B 176 -20.90 -5.86 -15.94
C VAL B 176 -20.47 -7.23 -16.46
N GLY B 177 -21.42 -8.15 -16.54
CA GLY B 177 -21.21 -9.46 -17.14
C GLY B 177 -21.76 -9.54 -18.55
N GLU B 178 -22.09 -10.75 -18.98
CA GLU B 178 -22.69 -10.93 -20.29
C GLU B 178 -24.13 -10.42 -20.28
N ASN B 179 -24.58 -9.92 -21.45
CA ASN B 179 -25.97 -9.52 -21.66
C ASN B 179 -26.40 -8.40 -20.72
N PHE B 180 -25.48 -7.50 -20.38
CA PHE B 180 -25.75 -6.36 -19.52
C PHE B 180 -26.17 -6.79 -18.10
N THR B 181 -25.73 -7.95 -17.63
CA THR B 181 -26.01 -8.33 -16.25
C THR B 181 -25.06 -7.58 -15.30
N ILE B 182 -25.64 -7.02 -14.24
CA ILE B 182 -24.91 -6.19 -13.29
C ILE B 182 -24.77 -6.94 -11.97
N LYS B 183 -23.56 -6.91 -11.40
CA LYS B 183 -23.30 -7.42 -10.07
C LYS B 183 -22.72 -6.27 -9.24
N ILE B 184 -23.43 -5.90 -8.17
CA ILE B 184 -22.90 -4.92 -7.22
C ILE B 184 -21.68 -5.51 -6.53
N ALA B 185 -20.63 -4.71 -6.39
CA ALA B 185 -19.42 -5.17 -5.74
C ALA B 185 -18.91 -4.06 -4.83
N ASP B 186 -17.64 -4.20 -4.41
CA ASP B 186 -17.00 -3.23 -3.53
C ASP B 186 -15.50 -3.49 -3.67
N PHE B 187 -14.82 -2.66 -4.45
CA PHE B 187 -13.37 -2.79 -4.65
C PHE B 187 -12.56 -2.19 -3.52
N GLY B 188 -13.21 -1.64 -2.50
CA GLY B 188 -12.53 -0.83 -1.51
C GLY B 188 -12.00 0.41 -2.18
N MET B 189 -11.39 1.30 -1.42
CA MET B 189 -10.82 2.51 -2.00
C MET B 189 -9.38 2.21 -2.42
N SER B 190 -9.26 1.42 -3.49
CA SER B 190 -8.01 0.75 -3.83
C SER B 190 -7.61 0.87 -5.29
N ARG B 191 -8.24 1.74 -6.07
CA ARG B 191 -7.95 1.88 -7.49
C ARG B 191 -7.50 3.31 -7.78
N ASN B 192 -6.37 3.45 -8.46
CA ASN B 192 -5.89 4.78 -8.85
C ASN B 192 -6.90 5.50 -9.71
N LEU B 193 -7.56 4.78 -10.62
CA LEU B 193 -8.44 5.41 -11.58
C LEU B 193 -9.54 6.25 -10.90
N TYR B 194 -10.00 5.84 -9.73
CA TYR B 194 -11.08 6.55 -9.05
C TYR B 194 -10.62 7.30 -7.80
N ALA B 195 -9.32 7.59 -7.67
CA ALA B 195 -8.83 8.30 -6.49
C ALA B 195 -9.53 9.65 -6.30
N GLY B 196 -9.88 10.33 -7.40
CA GLY B 196 -10.55 11.62 -7.31
C GLY B 196 -11.98 11.55 -6.80
N ASP B 197 -12.53 10.35 -6.64
CA ASP B 197 -13.87 10.14 -6.10
C ASP B 197 -13.89 10.05 -4.59
N TYR B 198 -12.75 10.16 -3.91
CA TYR B 198 -12.70 10.00 -2.47
C TYR B 198 -11.99 11.18 -1.83
N TYR B 199 -12.54 11.66 -0.73
CA TYR B 199 -12.02 12.81 0.00
C TYR B 199 -11.14 12.30 1.14
N ARG B 200 -9.87 12.72 1.13
CA ARG B 200 -8.83 12.21 2.02
C ARG B 200 -8.32 13.32 2.91
N VAL B 201 -8.50 13.16 4.21
CA VAL B 201 -7.97 14.07 5.22
C VAL B 201 -7.17 13.22 6.22
N GLN B 202 -5.98 13.70 6.57
CA GLN B 202 -5.07 12.93 7.40
C GLN B 202 -5.77 12.46 8.68
N GLY B 203 -5.71 11.16 8.92
CA GLY B 203 -6.26 10.64 10.14
C GLY B 203 -7.76 10.46 10.17
N ARG B 204 -8.45 10.62 9.05
CA ARG B 204 -9.89 10.42 8.96
C ARG B 204 -10.22 9.33 7.95
N ALA B 205 -11.44 8.80 8.05
CA ALA B 205 -11.91 7.85 7.04
C ALA B 205 -11.88 8.49 5.66
N VAL B 206 -11.54 7.68 4.66
CA VAL B 206 -11.63 8.09 3.27
C VAL B 206 -13.10 8.00 2.85
N LEU B 207 -13.60 9.05 2.20
CA LEU B 207 -15.06 9.23 2.07
C LEU B 207 -15.47 9.58 0.64
N PRO B 208 -16.38 8.82 0.02
CA PRO B 208 -16.92 9.21 -1.30
C PRO B 208 -18.01 10.28 -1.17
N ILE B 209 -17.60 11.50 -0.79
CA ILE B 209 -18.55 12.52 -0.37
C ILE B 209 -19.57 12.87 -1.46
N ARG B 210 -19.20 12.78 -2.74
CA ARG B 210 -20.12 13.18 -3.78
C ARG B 210 -21.27 12.20 -3.97
N TRP B 211 -21.17 11.00 -3.40
CA TRP B 211 -22.24 10.02 -3.39
C TRP B 211 -22.97 9.97 -2.05
N MET B 212 -22.55 10.75 -1.06
CA MET B 212 -22.96 10.55 0.32
C MET B 212 -24.11 11.48 0.70
N ALA B 213 -25.10 10.92 1.37
CA ALA B 213 -26.18 11.71 1.95
C ALA B 213 -25.61 12.77 2.90
N TRP B 214 -26.37 13.86 3.07
CA TRP B 214 -25.88 14.97 3.87
C TRP B 214 -25.60 14.54 5.31
N GLU B 215 -26.45 13.66 5.87
CA GLU B 215 -26.22 13.25 7.25
C GLU B 215 -24.96 12.41 7.41
N CYS B 216 -24.56 11.68 6.36
CA CYS B 216 -23.28 10.95 6.42
C CYS B 216 -22.10 11.90 6.47
N ILE B 217 -22.11 12.92 5.61
CA ILE B 217 -21.01 13.86 5.55
C ILE B 217 -20.82 14.56 6.89
N LEU B 218 -21.92 14.97 7.53
CA LEU B 218 -21.79 15.74 8.75
C LEU B 218 -21.53 14.84 9.96
N MET B 219 -22.15 13.66 10.01
CA MET B 219 -22.12 12.81 11.19
C MET B 219 -21.33 11.51 11.00
N GLY B 220 -21.00 11.14 9.77
CA GLY B 220 -20.07 10.06 9.51
C GLY B 220 -20.63 8.66 9.62
N LYS B 221 -21.94 8.50 9.71
CA LYS B 221 -22.56 7.20 9.92
C LYS B 221 -23.56 6.90 8.80
N PHE B 222 -23.65 5.64 8.42
CA PHE B 222 -24.30 5.20 7.19
C PHE B 222 -25.47 4.28 7.50
N THR B 223 -26.50 4.31 6.65
CA THR B 223 -27.70 3.48 6.81
C THR B 223 -28.23 3.04 5.45
N THR B 224 -29.21 2.13 5.47
CA THR B 224 -29.90 1.81 4.21
C THR B 224 -30.45 3.07 3.54
N ALA B 225 -30.96 4.01 4.35
CA ALA B 225 -31.48 5.26 3.80
C ALA B 225 -30.38 6.09 3.15
N SER B 226 -29.14 6.02 3.65
CA SER B 226 -28.08 6.68 2.90
C SER B 226 -27.67 5.87 1.68
N ASP B 227 -27.84 4.54 1.71
CA ASP B 227 -27.61 3.80 0.48
C ASP B 227 -28.61 4.19 -0.60
N VAL B 228 -29.85 4.52 -0.22
CA VAL B 228 -30.83 5.01 -1.20
C VAL B 228 -30.35 6.33 -1.84
N TRP B 229 -29.84 7.25 -1.03
CA TRP B 229 -29.25 8.47 -1.59
C TRP B 229 -28.12 8.15 -2.57
N ALA B 230 -27.19 7.29 -2.16
CA ALA B 230 -26.12 6.88 -3.06
C ALA B 230 -26.69 6.23 -4.32
N PHE B 231 -27.77 5.46 -4.19
CA PHE B 231 -28.36 4.86 -5.37
C PHE B 231 -28.86 5.93 -6.34
N GLY B 232 -29.43 7.01 -5.81
CA GLY B 232 -29.89 8.08 -6.67
C GLY B 232 -28.75 8.71 -7.44
N VAL B 233 -27.61 8.89 -6.77
CA VAL B 233 -26.44 9.45 -7.46
C VAL B 233 -25.94 8.47 -8.51
N THR B 234 -25.95 7.18 -8.18
CA THR B 234 -25.54 6.14 -9.11
C THR B 234 -26.47 6.09 -10.32
N LEU B 235 -27.77 6.24 -10.08
CA LEU B 235 -28.74 6.31 -11.17
C LEU B 235 -28.49 7.55 -12.03
N TRP B 236 -28.17 8.68 -11.39
CA TRP B 236 -27.73 9.87 -12.12
C TRP B 236 -26.53 9.54 -13.01
N GLU B 237 -25.54 8.82 -12.46
CA GLU B 237 -24.38 8.42 -13.24
C GLU B 237 -24.80 7.61 -14.47
N VAL B 238 -25.66 6.61 -14.26
CA VAL B 238 -26.05 5.71 -15.36
C VAL B 238 -26.73 6.50 -16.46
N LEU B 239 -27.60 7.43 -16.10
CA LEU B 239 -28.30 8.21 -17.09
C LEU B 239 -27.44 9.30 -17.71
N MET B 240 -26.35 9.68 -17.04
CA MET B 240 -25.30 10.49 -17.65
C MET B 240 -24.39 9.68 -18.55
N LEU B 241 -24.56 8.36 -18.59
CA LEU B 241 -23.57 7.47 -19.20
C LEU B 241 -22.18 7.78 -18.67
N CYS B 242 -22.09 8.12 -17.37
CA CYS B 242 -20.82 8.30 -16.66
C CYS B 242 -19.91 9.35 -17.30
N ARG B 243 -20.50 10.34 -17.97
CA ARG B 243 -19.74 11.39 -18.65
C ARG B 243 -19.23 12.48 -17.70
N ALA B 244 -19.64 12.46 -16.42
CA ALA B 244 -19.27 13.53 -15.52
C ALA B 244 -19.29 13.02 -14.09
N GLN B 245 -18.31 13.45 -13.30
CA GLN B 245 -18.35 13.21 -11.88
C GLN B 245 -19.51 13.99 -11.27
N PRO B 246 -20.24 13.41 -10.32
CA PRO B 246 -21.29 14.18 -9.63
C PRO B 246 -20.71 15.42 -8.98
N PHE B 247 -21.43 16.54 -9.09
CA PHE B 247 -20.99 17.83 -8.58
C PHE B 247 -19.61 18.19 -9.13
N GLY B 248 -19.32 17.76 -10.36
CA GLY B 248 -17.94 17.74 -10.85
C GLY B 248 -17.27 19.10 -10.88
N GLN B 249 -18.03 20.17 -10.89
CA GLN B 249 -17.46 21.51 -10.96
C GLN B 249 -17.35 22.17 -9.60
N LEU B 250 -17.93 21.58 -8.57
CA LEU B 250 -17.74 22.03 -7.21
C LEU B 250 -16.50 21.34 -6.64
N THR B 251 -15.75 22.08 -5.84
CA THR B 251 -14.63 21.49 -5.12
C THR B 251 -15.17 20.57 -4.02
N ASP B 252 -14.27 19.76 -3.47
CA ASP B 252 -14.64 18.92 -2.32
C ASP B 252 -15.23 19.77 -1.20
N GLU B 253 -14.64 20.93 -0.95
CA GLU B 253 -15.11 21.80 0.12
C GLU B 253 -16.52 22.32 -0.16
N GLN B 254 -16.83 22.60 -1.43
CA GLN B 254 -18.20 23.04 -1.72
C GLN B 254 -19.20 21.90 -1.60
N VAL B 255 -18.81 20.66 -1.92
CA VAL B 255 -19.69 19.51 -1.68
C VAL B 255 -20.01 19.39 -0.20
N ILE B 256 -18.99 19.48 0.66
CA ILE B 256 -19.19 19.36 2.10
C ILE B 256 -20.08 20.49 2.61
N GLU B 257 -19.79 21.70 2.16
CA GLU B 257 -20.64 22.85 2.47
C GLU B 257 -22.09 22.61 2.05
N ASN B 258 -22.31 21.92 0.93
CA ASN B 258 -23.66 21.64 0.46
C ASN B 258 -24.41 20.74 1.43
N ALA B 259 -23.73 19.73 1.98
CA ALA B 259 -24.33 18.95 3.06
C ALA B 259 -24.82 19.84 4.19
N GLY B 260 -24.02 20.86 4.55
CA GLY B 260 -24.44 21.79 5.57
C GLY B 260 -25.68 22.58 5.23
N GLU B 261 -25.89 22.87 3.94
CA GLU B 261 -27.11 23.58 3.56
C GLU B 261 -28.33 22.67 3.60
N PHE B 262 -28.17 21.39 3.27
CA PHE B 262 -29.25 20.45 3.50
C PHE B 262 -29.63 20.44 4.97
N PHE B 263 -28.63 20.43 5.86
CA PHE B 263 -28.90 20.45 7.29
C PHE B 263 -29.63 21.73 7.68
N ARG B 264 -29.17 22.90 7.19
CA ARG B 264 -29.81 24.17 7.52
C ARG B 264 -31.23 24.27 6.98
N ASP B 265 -31.53 23.62 5.86
CA ASP B 265 -32.88 23.50 5.31
C ASP B 265 -33.51 24.86 4.99
N GLN B 266 -32.69 25.82 4.55
CA GLN B 266 -33.19 27.11 4.11
C GLN B 266 -33.38 27.18 2.60
N GLY B 267 -33.52 26.04 1.93
CA GLY B 267 -33.66 26.04 0.49
C GLY B 267 -32.44 26.50 -0.30
N ARG B 268 -31.25 26.49 0.29
CA ARG B 268 -30.05 26.90 -0.41
C ARG B 268 -29.22 25.72 -0.88
N GLN B 269 -29.67 24.49 -0.62
CA GLN B 269 -28.92 23.31 -1.03
C GLN B 269 -29.08 23.10 -2.52
N VAL B 270 -28.06 22.50 -3.14
CA VAL B 270 -28.11 22.27 -4.58
C VAL B 270 -28.13 20.79 -4.86
N TYR B 271 -28.71 20.44 -5.99
CA TYR B 271 -28.89 19.07 -6.43
C TYR B 271 -28.14 18.84 -7.72
N LEU B 272 -27.80 17.57 -7.97
CA LEU B 272 -27.42 17.14 -9.29
C LEU B 272 -28.52 17.48 -10.28
N SER B 273 -28.13 17.97 -11.47
CA SER B 273 -29.07 18.37 -12.50
C SER B 273 -29.59 17.17 -13.28
N ARG B 274 -30.71 17.36 -13.96
CA ARG B 274 -31.31 16.30 -14.75
C ARG B 274 -30.41 15.93 -15.92
N PRO B 275 -30.02 14.67 -16.08
CA PRO B 275 -29.15 14.31 -17.20
C PRO B 275 -29.90 14.40 -18.51
N PRO B 276 -29.18 14.61 -19.63
CA PRO B 276 -29.86 14.78 -20.93
C PRO B 276 -30.73 13.59 -21.32
N ALA B 277 -30.32 12.38 -20.96
CA ALA B 277 -31.05 11.17 -21.32
C ALA B 277 -32.18 10.89 -20.35
N CYS B 278 -32.36 11.71 -19.31
CA CYS B 278 -33.25 11.40 -18.21
C CYS B 278 -34.55 12.17 -18.34
N PRO B 279 -35.70 11.50 -18.52
CA PRO B 279 -36.98 12.22 -18.51
C PRO B 279 -37.26 12.83 -17.15
N GLN B 280 -38.13 13.83 -17.15
CA GLN B 280 -38.40 14.57 -15.92
C GLN B 280 -39.01 13.68 -14.84
N GLY B 281 -39.83 12.69 -15.25
CA GLY B 281 -40.42 11.77 -14.29
C GLY B 281 -39.37 10.94 -13.56
N LEU B 282 -38.40 10.43 -14.29
CA LEU B 282 -37.30 9.70 -13.67
C LEU B 282 -36.44 10.63 -12.81
N TYR B 283 -36.32 11.90 -13.20
CA TYR B 283 -35.61 12.86 -12.38
C TYR B 283 -36.30 13.08 -11.03
N GLU B 284 -37.63 13.03 -11.01
CA GLU B 284 -38.35 13.18 -9.74
C GLU B 284 -38.04 12.03 -8.81
N LEU B 285 -37.87 10.83 -9.37
CA LEU B 285 -37.43 9.69 -8.59
C LEU B 285 -36.07 9.94 -7.95
N MET B 286 -35.13 10.48 -8.73
CA MET B 286 -33.82 10.83 -8.17
C MET B 286 -33.97 11.81 -7.01
N LEU B 287 -34.78 12.84 -7.20
CA LEU B 287 -34.98 13.84 -6.15
C LEU B 287 -35.55 13.22 -4.88
N ARG B 288 -36.41 12.20 -4.99
CA ARG B 288 -36.93 11.58 -3.77
C ARG B 288 -35.86 10.78 -3.06
N CYS B 289 -34.92 10.22 -3.80
CA CYS B 289 -33.76 9.61 -3.14
C CYS B 289 -32.95 10.63 -2.38
N TRP B 290 -33.07 11.92 -2.72
CA TRP B 290 -32.29 12.97 -2.08
C TRP B 290 -33.12 13.81 -1.12
N SER B 291 -34.24 13.27 -0.64
CA SER B 291 -35.04 13.94 0.37
C SER B 291 -34.21 14.22 1.62
N ARG B 292 -34.45 15.37 2.24
CA ARG B 292 -33.71 15.69 3.46
C ARG B 292 -33.94 14.63 4.52
N GLU B 293 -35.20 14.22 4.71
CA GLU B 293 -35.56 13.26 5.74
C GLU B 293 -35.34 11.86 5.23
N SER B 294 -34.51 11.09 5.93
CA SER B 294 -34.18 9.75 5.48
C SER B 294 -35.42 8.85 5.38
N GLU B 295 -36.42 9.06 6.24
CA GLU B 295 -37.62 8.25 6.18
C GLU B 295 -38.53 8.61 5.01
N GLN B 296 -38.26 9.72 4.32
CA GLN B 296 -39.05 10.04 3.13
C GLN B 296 -38.42 9.50 1.85
N ARG B 297 -37.22 8.90 1.93
CA ARG B 297 -36.59 8.34 0.75
C ARG B 297 -37.21 6.97 0.46
N PRO B 298 -37.41 6.62 -0.81
CA PRO B 298 -38.10 5.37 -1.11
C PRO B 298 -37.25 4.18 -0.73
N PRO B 299 -37.88 3.08 -0.33
CA PRO B 299 -37.14 1.83 -0.15
C PRO B 299 -36.78 1.21 -1.49
N PHE B 300 -35.77 0.35 -1.44
CA PHE B 300 -35.28 -0.27 -2.67
C PHE B 300 -36.34 -1.14 -3.33
N SER B 301 -37.27 -1.70 -2.56
CA SER B 301 -38.36 -2.45 -3.18
C SER B 301 -39.16 -1.58 -4.12
N GLN B 302 -39.51 -0.36 -3.68
CA GLN B 302 -40.27 0.55 -4.52
C GLN B 302 -39.44 1.04 -5.70
N LEU B 303 -38.18 1.41 -5.46
CA LEU B 303 -37.30 1.82 -6.56
C LEU B 303 -37.18 0.73 -7.61
N HIS B 304 -36.99 -0.53 -7.18
CA HIS B 304 -36.85 -1.61 -8.15
C HIS B 304 -38.11 -1.76 -9.00
N ARG B 305 -39.27 -1.67 -8.37
CA ARG B 305 -40.52 -1.87 -9.09
C ARG B 305 -40.73 -0.80 -10.15
N PHE B 306 -40.51 0.46 -9.78
CA PHE B 306 -40.67 1.55 -10.73
C PHE B 306 -39.75 1.37 -11.93
N LEU B 307 -38.46 1.14 -11.67
CA LEU B 307 -37.50 1.01 -12.77
C LEU B 307 -37.82 -0.20 -13.65
N ALA B 308 -38.34 -1.27 -13.06
CA ALA B 308 -38.63 -2.47 -13.82
C ALA B 308 -39.92 -2.39 -14.61
N GLU B 309 -40.84 -1.50 -14.23
CA GLU B 309 -42.20 -1.54 -14.77
C GLU B 309 -42.71 -0.17 -15.18
N ASP B 310 -42.70 0.79 -14.25
CA ASP B 310 -43.39 2.04 -14.49
C ASP B 310 -42.60 3.01 -15.35
N ALA B 311 -41.30 2.77 -15.55
CA ALA B 311 -40.44 3.67 -16.31
C ALA B 311 -40.42 3.31 -17.80
N1 GKB C . 23.33 5.53 14.07
N3 GKB C . 21.16 -6.70 14.75
C4 GKB C . 19.26 3.89 11.80
C5 GKB C . 21.33 4.71 12.95
C6 GKB C . 22.44 4.46 13.76
C7 GKB C . 24.21 5.56 15.14
C8 GKB C . 24.94 6.70 15.04
C10 GKB C . 23.55 6.67 13.36
C13 GKB C . 22.29 -2.76 13.66
C15 GKB C . 22.75 -4.08 15.61
C17 GKB C . 22.56 -6.30 14.75
C20 GKB C . 19.50 -9.23 12.03
C21 GKB C . 19.25 -7.86 13.81
C22 GKB C . 22.77 -5.32 13.59
C24 GKB C . 22.49 -1.70 15.80
N GKB C . 22.29 0.82 14.24
C GKB C . 21.81 -0.35 13.74
O GKB C . 21.10 -0.40 12.74
C1 GKB C . 21.87 2.13 13.89
C11 GKB C . 22.70 3.19 14.24
C12 GKB C . 22.23 -1.60 14.43
C14 GKB C . 22.56 -3.99 14.24
C16 GKB C . 22.95 -5.52 16.01
C18 GKB C . 20.62 -7.57 13.80
C19 GKB C . 21.35 -8.23 12.82
C2 GKB C . 20.76 2.36 13.10
C23 GKB C . 22.72 -2.94 16.39
C3 GKB C . 20.48 3.65 12.62
C9 GKB C . 26.07 7.18 15.91
F GKB C . 18.92 5.17 11.74
F1 GKB C . 18.19 3.23 12.29
F2 GKB C . 19.38 3.52 10.54
N2 GKB C . 24.49 7.42 13.89
N4 GKB C . 20.81 -9.05 11.92
N5 GKB C . 18.69 -8.67 12.92
N1 GKB D . -17.25 -6.04 1.87
N3 GKB D . -13.25 -10.05 -9.16
C4 GKB D . -20.57 -6.33 -1.77
C5 GKB D . -18.89 -6.22 0.07
C6 GKB D . -17.57 -6.40 0.53
C7 GKB D . -16.33 -6.69 2.68
C8 GKB D . -16.22 -5.95 3.81
C10 GKB D . -17.65 -4.94 2.56
C13 GKB D . -14.35 -7.73 -5.80
C15 GKB D . -12.79 -9.53 -6.06
C17 GKB D . -12.24 -9.36 -8.37
C20 GKB D . -14.42 -8.86 -12.87
C21 GKB D . -14.62 -10.30 -11.13
C22 GKB D . -12.80 -8.03 -7.89
C24 GKB D . -14.07 -9.33 -4.04
N GKB D . -15.83 -7.53 -2.51
C GKB D . -15.85 -7.53 -3.87
O GKB D . -16.73 -6.96 -4.53
C1 GKB D . -16.89 -7.18 -1.64
C11 GKB D . -16.58 -6.88 -0.32
C12 GKB D . -14.72 -8.20 -4.54
C14 GKB D . -13.39 -8.39 -6.55
C16 GKB D . -11.85 -10.11 -7.09
C18 GKB D . -13.61 -9.64 -10.43
C19 GKB D . -13.05 -8.56 -11.10
C2 GKB D . -18.20 -7.00 -2.10
C23 GKB D . -13.12 -10.00 -4.79
C3 GKB D . -19.19 -6.52 -1.25
C9 GKB D . -15.36 -6.19 5.01
F GKB D . -21.46 -6.09 -0.81
F1 GKB D . -21.02 -7.40 -2.43
F2 GKB D . -20.68 -5.31 -2.60
N2 GKB D . -17.06 -4.83 3.73
N4 GKB D . -13.44 -8.15 -12.31
N5 GKB D . -15.03 -9.93 -12.36
#